data_8PUS
#
_entry.id   8PUS
#
_cell.length_a   83.694
_cell.length_b   100.524
_cell.length_c   171.257
_cell.angle_alpha   90.000
_cell.angle_beta   90.000
_cell.angle_gamma   90.000
#
_symmetry.space_group_name_H-M   'F 2 2 2'
#
loop_
_entity.id
_entity.type
_entity.pdbx_description
1 polymer 'L-threonine aldolase'
2 water water
#
_entity_poly.entity_id   1
_entity_poly.type   'polypeptide(L)'
_entity_poly.pdbx_seq_one_letter_code
;MGSSHHHHHHSSGENLYFQGHMVDLRSDTVTRPGPAMRRAMAEAVVGDDDYGEDPTVHELQEKAAELLGVERTLFVPTNT
MANLISVMGHCRRRGSQVLLGQECHLHVYEQGGVAQIAGVHSHPLPDLPYGTLDLNELERALTRGSGSPYHPVCELVYLE
NTHSSAGGRVLPVDYLRQVCLLAHAHGARVHMDGARLMNAAVALRIPPARLVEHCDSVSFCFSKGLGAPVGALVGGSKDF
IGEAWRLRKALGGGMRQAGVLAAAALVGLAEAEEVLPRDHENAQRFAKGLQDLASPICSVDPATVETNMVLVQVAGLPPS
ELCQRLQAVSAEEVAQTGRAVRVLLFPWTEQSVRAVWHRDVSAQDTELALKKWEFVLRQLRP
;
_entity_poly.pdbx_strand_id   A
#
# COMPACT_ATOMS: atom_id res chain seq x y z
N HIS A 21 -6.24 26.66 6.16
CA HIS A 21 -6.15 25.32 6.73
C HIS A 21 -5.94 24.28 5.63
N MET A 22 -5.11 23.29 5.89
CA MET A 22 -4.74 22.28 4.91
C MET A 22 -5.22 20.91 5.37
N VAL A 23 -5.89 20.19 4.49
CA VAL A 23 -6.27 18.80 4.69
C VAL A 23 -5.73 18.02 3.50
N ASP A 24 -4.62 17.30 3.71
CA ASP A 24 -3.88 16.64 2.64
C ASP A 24 -4.30 15.18 2.58
N LEU A 25 -5.13 14.84 1.59
CA LEU A 25 -5.56 13.47 1.38
C LEU A 25 -4.98 12.88 0.10
N ARG A 26 -3.88 13.44 -0.41
CA ARG A 26 -3.25 12.90 -1.60
C ARG A 26 -2.72 11.49 -1.37
N SER A 27 -2.09 11.26 -0.21
CA SER A 27 -1.54 9.95 0.11
C SER A 27 -1.29 9.88 1.61
N ASP A 28 -1.14 8.65 2.10
CA ASP A 28 -0.78 8.43 3.49
C ASP A 28 0.72 8.40 3.71
N THR A 29 1.52 8.66 2.67
CA THR A 29 2.97 8.80 2.84
C THR A 29 3.35 10.14 3.47
N VAL A 30 2.45 11.11 3.50
CA VAL A 30 2.79 12.46 3.96
C VAL A 30 2.76 12.53 5.49
N THR A 31 2.60 11.38 6.15
CA THR A 31 2.60 11.37 7.60
C THR A 31 3.95 11.84 8.13
N ARG A 32 3.91 12.78 9.06
CA ARG A 32 5.06 13.40 9.68
C ARG A 32 5.28 12.83 11.08
N PRO A 33 6.54 12.74 11.53
CA PRO A 33 6.82 12.05 12.80
C PRO A 33 6.22 12.79 13.99
N GLY A 34 5.70 12.01 14.94
CA GLY A 34 5.17 12.57 16.16
C GLY A 34 6.25 12.75 17.21
N PRO A 35 5.89 13.34 18.35
CA PRO A 35 6.92 13.59 19.39
C PRO A 35 7.49 12.33 19.99
N ALA A 36 6.69 11.26 20.11
CA ALA A 36 7.23 10.00 20.60
C ALA A 36 8.23 9.42 19.61
N MET A 37 7.96 9.56 18.31
CA MET A 37 8.91 9.12 17.29
C MET A 37 10.16 9.98 17.28
N ARG A 38 9.99 11.30 17.41
CA ARG A 38 11.15 12.19 17.41
C ARG A 38 12.06 11.91 18.60
N ARG A 39 11.48 11.58 19.75
CA ARG A 39 12.28 11.20 20.91
C ARG A 39 12.99 9.87 20.70
N ALA A 40 12.29 8.90 20.11
CA ALA A 40 12.88 7.58 19.91
C ALA A 40 14.10 7.65 19.01
N MET A 41 14.06 8.51 17.99
CA MET A 41 15.20 8.67 17.10
C MET A 41 16.40 9.27 17.84
N ALA A 42 16.15 10.28 18.67
CA ALA A 42 17.24 10.92 19.41
C ALA A 42 17.76 10.04 20.54
N GLU A 43 16.99 9.04 20.96
CA GLU A 43 17.41 8.14 22.03
C GLU A 43 17.73 6.74 21.54
N ALA A 44 17.87 6.55 20.23
CA ALA A 44 18.07 5.21 19.68
C ALA A 44 19.48 4.71 19.96
N VAL A 45 19.58 3.44 20.31
CA VAL A 45 20.85 2.75 20.42
C VAL A 45 21.17 2.15 19.06
N VAL A 46 22.26 2.61 18.45
CA VAL A 46 22.54 2.29 17.06
C VAL A 46 23.93 1.65 16.92
N GLY A 47 24.13 1.02 15.78
CA GLY A 47 25.42 0.52 15.37
C GLY A 47 25.46 0.44 13.85
N ASP A 48 26.49 -0.23 13.34
CA ASP A 48 26.60 -0.41 11.89
C ASP A 48 25.76 -1.62 11.49
N ASP A 49 24.64 -1.37 10.80
CA ASP A 49 23.79 -2.46 10.35
C ASP A 49 24.51 -3.34 9.34
N ASP A 50 25.40 -2.75 8.52
CA ASP A 50 26.15 -3.54 7.55
C ASP A 50 26.97 -4.63 8.22
N TYR A 51 27.43 -4.39 9.44
CA TYR A 51 28.10 -5.41 10.24
C TYR A 51 27.12 -6.18 11.12
N GLY A 52 25.85 -5.84 11.09
CA GLY A 52 24.87 -6.45 11.97
C GLY A 52 25.03 -6.03 13.42
N GLU A 53 25.35 -4.77 13.66
CA GLU A 53 25.67 -4.28 14.99
C GLU A 53 24.72 -3.18 15.47
N ASP A 54 23.57 -3.02 14.81
CA ASP A 54 22.59 -2.05 15.25
C ASP A 54 21.51 -2.77 16.05
N PRO A 55 21.44 -2.57 17.37
CA PRO A 55 20.46 -3.33 18.17
C PRO A 55 19.02 -2.92 17.92
N THR A 56 18.75 -1.65 17.60
CA THR A 56 17.38 -1.22 17.38
C THR A 56 16.84 -1.80 16.06
N VAL A 57 17.68 -1.88 15.03
CA VAL A 57 17.27 -2.53 13.80
C VAL A 57 16.97 -4.01 14.05
N HIS A 58 17.81 -4.67 14.84
CA HIS A 58 17.57 -6.06 15.17
C HIS A 58 16.29 -6.23 15.99
N GLU A 59 15.99 -5.28 16.87
CA GLU A 59 14.74 -5.34 17.62
C GLU A 59 13.53 -5.19 16.71
N LEU A 60 13.59 -4.27 15.75
CA LEU A 60 12.50 -4.11 14.80
C LEU A 60 12.32 -5.35 13.94
N GLN A 61 13.44 -5.93 13.47
CA GLN A 61 13.35 -7.10 12.60
C GLN A 61 12.81 -8.32 13.35
N GLU A 62 13.12 -8.45 14.62
CA GLU A 62 12.60 -9.59 15.40
C GLU A 62 11.12 -9.40 15.72
N LYS A 63 10.73 -8.19 16.11
CA LYS A 63 9.32 -7.95 16.43
C LYS A 63 8.44 -8.08 15.20
N ALA A 64 8.90 -7.54 14.07
CA ALA A 64 8.13 -7.66 12.83
C ALA A 64 8.05 -9.10 12.35
N ALA A 65 9.10 -9.89 12.58
CA ALA A 65 9.06 -11.30 12.21
C ALA A 65 8.00 -12.05 13.01
N GLU A 66 7.88 -11.72 14.30
CA GLU A 66 6.84 -12.34 15.12
C GLU A 66 5.46 -11.86 14.72
N LEU A 67 5.33 -10.57 14.41
CA LEU A 67 4.04 -10.02 13.98
C LEU A 67 3.57 -10.66 12.68
N LEU A 68 4.48 -10.84 11.73
CA LEU A 68 4.12 -11.37 10.41
C LEU A 68 4.17 -12.89 10.32
N GLY A 69 4.74 -13.56 11.32
CA GLY A 69 4.84 -15.01 11.27
C GLY A 69 5.89 -15.53 10.32
N VAL A 70 6.95 -14.76 10.06
CA VAL A 70 8.04 -15.18 9.20
C VAL A 70 9.25 -15.49 10.07
N GLU A 71 10.24 -16.14 9.46
CA GLU A 71 11.46 -16.50 10.19
C GLU A 71 12.35 -15.28 10.43
N ARG A 72 12.56 -14.48 9.39
CA ARG A 72 13.44 -13.31 9.49
C ARG A 72 12.85 -12.15 8.72
N THR A 73 13.38 -10.96 8.98
CA THR A 73 13.04 -9.77 8.22
C THR A 73 14.30 -8.94 7.99
N LEU A 74 14.24 -8.06 6.99
CA LEU A 74 15.39 -7.27 6.58
C LEU A 74 14.94 -5.84 6.31
N PHE A 75 15.42 -4.91 7.15
CA PHE A 75 15.06 -3.50 7.02
C PHE A 75 15.64 -2.90 5.74
N VAL A 76 14.82 -2.16 5.01
CA VAL A 76 15.24 -1.55 3.75
C VAL A 76 14.78 -0.10 3.74
N PRO A 77 15.34 0.72 2.84
CA PRO A 77 14.95 2.14 2.82
C PRO A 77 13.50 2.38 2.41
N THR A 78 13.01 1.68 1.39
CA THR A 78 11.69 1.95 0.84
C THR A 78 10.96 0.64 0.57
N ASN A 79 9.63 0.73 0.49
CA ASN A 79 8.84 -0.42 0.07
C ASN A 79 9.10 -0.77 -1.39
N THR A 80 9.50 0.22 -2.20
CA THR A 80 9.91 -0.06 -3.57
C THR A 80 11.07 -1.05 -3.61
N MET A 81 12.10 -0.81 -2.80
CA MET A 81 13.23 -1.72 -2.79
C MET A 81 12.84 -3.07 -2.23
N ALA A 82 11.94 -3.10 -1.25
CA ALA A 82 11.51 -4.37 -0.68
C ALA A 82 10.83 -5.24 -1.72
N ASN A 83 9.96 -4.66 -2.54
CA ASN A 83 9.32 -5.42 -3.61
C ASN A 83 10.33 -5.86 -4.66
N LEU A 84 11.24 -4.96 -5.03
CA LEU A 84 12.24 -5.28 -6.04
C LEU A 84 13.17 -6.40 -5.55
N ILE A 85 13.54 -6.37 -4.27
CA ILE A 85 14.38 -7.42 -3.72
C ILE A 85 13.65 -8.75 -3.75
N SER A 86 12.36 -8.75 -3.40
CA SER A 86 11.60 -10.00 -3.35
C SER A 86 11.48 -10.62 -4.74
N VAL A 87 11.15 -9.82 -5.74
CA VAL A 87 11.06 -10.32 -7.11
C VAL A 87 12.39 -10.89 -7.56
N MET A 88 13.48 -10.15 -7.31
CA MET A 88 14.80 -10.64 -7.68
C MET A 88 15.16 -11.90 -6.90
N GLY A 89 14.67 -12.04 -5.66
CA GLY A 89 14.99 -13.22 -4.88
C GLY A 89 14.27 -14.47 -5.33
N HIS A 90 13.06 -14.31 -5.87
CA HIS A 90 12.30 -15.48 -6.36
C HIS A 90 12.56 -15.76 -7.82
N CYS A 91 12.75 -14.72 -8.64
CA CYS A 91 12.88 -14.86 -10.09
C CYS A 91 14.34 -14.63 -10.49
N ARG A 92 15.20 -15.56 -10.09
CA ARG A 92 16.61 -15.47 -10.45
C ARG A 92 16.93 -16.22 -11.73
N ARG A 93 16.18 -17.27 -12.02
CA ARG A 93 16.41 -18.05 -13.23
C ARG A 93 16.30 -17.17 -14.47
N ARG A 94 17.30 -17.28 -15.35
CA ARG A 94 17.25 -16.58 -16.63
C ARG A 94 16.04 -17.04 -17.42
N GLY A 95 15.16 -16.10 -17.76
CA GLY A 95 13.91 -16.46 -18.41
C GLY A 95 12.82 -16.78 -17.42
N SER A 96 12.75 -16.00 -16.34
CA SER A 96 11.71 -16.15 -15.32
C SER A 96 10.60 -15.15 -15.57
N GLN A 97 9.44 -15.43 -14.98
CA GLN A 97 8.25 -14.61 -15.22
C GLN A 97 7.51 -14.38 -13.91
N VAL A 98 6.98 -13.16 -13.75
CA VAL A 98 6.12 -12.81 -12.62
C VAL A 98 4.69 -12.68 -13.13
N LEU A 99 3.77 -13.36 -12.48
CA LEU A 99 2.34 -13.17 -12.70
C LEU A 99 1.82 -12.13 -11.70
N LEU A 100 1.29 -11.02 -12.20
CA LEU A 100 0.87 -9.91 -11.35
C LEU A 100 -0.37 -9.27 -11.94
N GLY A 101 -0.86 -8.24 -11.25
CA GLY A 101 -2.04 -7.51 -11.71
C GLY A 101 -1.63 -6.28 -12.51
N GLN A 102 -2.44 -5.97 -13.53
CA GLN A 102 -2.10 -4.87 -14.42
C GLN A 102 -2.31 -3.51 -13.78
N GLU A 103 -2.93 -3.44 -12.62
CA GLU A 103 -3.05 -2.20 -11.87
C GLU A 103 -2.33 -2.24 -10.53
N CYS A 104 -1.52 -3.27 -10.28
CA CYS A 104 -0.76 -3.30 -9.06
C CYS A 104 0.35 -2.26 -9.11
N HIS A 105 0.80 -1.83 -7.93
CA HIS A 105 1.74 -0.72 -7.87
C HIS A 105 3.06 -1.08 -8.53
N LEU A 106 3.52 -2.32 -8.37
CA LEU A 106 4.78 -2.74 -8.97
C LEU A 106 4.78 -2.57 -10.48
N HIS A 107 3.64 -2.87 -11.13
CA HIS A 107 3.58 -2.87 -12.57
C HIS A 107 3.38 -1.48 -13.17
N VAL A 108 2.89 -0.51 -12.39
CA VAL A 108 2.48 0.79 -12.92
C VAL A 108 3.37 1.92 -12.42
N TYR A 109 3.67 1.95 -11.11
CA TYR A 109 4.30 3.10 -10.48
C TYR A 109 5.68 2.78 -9.91
N GLU A 110 6.42 1.85 -10.52
CA GLU A 110 7.76 1.53 -10.03
C GLU A 110 8.76 1.45 -11.18
N GLN A 111 8.62 2.35 -12.15
CA GLN A 111 9.61 2.57 -13.20
C GLN A 111 9.89 1.32 -14.03
N GLY A 112 9.02 0.31 -13.96
CA GLY A 112 9.26 -0.94 -14.65
C GLY A 112 10.52 -1.64 -14.17
N GLY A 113 10.83 -1.53 -12.88
CA GLY A 113 12.05 -2.10 -12.34
C GLY A 113 12.14 -3.60 -12.45
N VAL A 114 11.01 -4.30 -12.51
CA VAL A 114 11.02 -5.74 -12.75
C VAL A 114 11.81 -6.07 -14.01
N ALA A 115 11.81 -5.15 -14.99
CA ALA A 115 12.48 -5.36 -16.26
C ALA A 115 13.87 -4.73 -16.29
N GLN A 116 13.96 -3.42 -16.06
CA GLN A 116 15.23 -2.71 -16.24
C GLN A 116 16.26 -3.01 -15.15
N ILE A 117 15.87 -3.64 -14.05
CA ILE A 117 16.78 -3.97 -12.96
C ILE A 117 16.82 -5.47 -12.69
N ALA A 118 15.65 -6.08 -12.48
CA ALA A 118 15.57 -7.51 -12.23
C ALA A 118 15.68 -8.35 -13.50
N GLY A 119 15.41 -7.77 -14.66
CA GLY A 119 15.46 -8.54 -15.90
C GLY A 119 14.49 -9.69 -15.93
N VAL A 120 13.29 -9.50 -15.37
CA VAL A 120 12.28 -10.55 -15.28
C VAL A 120 11.08 -10.13 -16.12
N HIS A 121 10.48 -11.11 -16.79
CA HIS A 121 9.29 -10.88 -17.59
C HIS A 121 8.05 -10.80 -16.70
N SER A 122 7.11 -9.93 -17.08
CA SER A 122 5.89 -9.72 -16.33
C SER A 122 4.68 -10.10 -17.17
N HIS A 123 3.75 -10.84 -16.57
CA HIS A 123 2.50 -11.23 -17.23
C HIS A 123 1.35 -10.65 -16.43
N PRO A 124 0.81 -9.50 -16.81
CA PRO A 124 -0.25 -8.87 -16.02
C PRO A 124 -1.62 -9.46 -16.34
N LEU A 125 -2.41 -9.62 -15.29
CA LEU A 125 -3.78 -10.10 -15.37
C LEU A 125 -4.72 -9.04 -14.79
N PRO A 126 -5.97 -9.00 -15.27
N PRO A 126 -5.99 -9.03 -15.22
CA PRO A 126 -6.93 -8.01 -14.75
CA PRO A 126 -6.92 -8.00 -14.75
C PRO A 126 -6.99 -7.95 -13.24
C PRO A 126 -7.16 -8.12 -13.25
N ASP A 127 -6.60 -6.82 -12.67
N ASP A 127 -7.03 -6.99 -12.56
CA ASP A 127 -6.69 -6.62 -11.23
CA ASP A 127 -7.23 -6.94 -11.12
C ASP A 127 -8.12 -6.42 -10.75
C ASP A 127 -8.07 -5.76 -10.65
N LEU A 128 -9.07 -6.17 -11.67
N LEU A 128 -8.34 -4.81 -11.54
CA LEU A 128 -10.51 -6.07 -11.31
CA LEU A 128 -9.07 -3.58 -11.13
C LEU A 128 -10.78 -4.89 -10.36
C LEU A 128 -10.28 -3.92 -10.24
N PRO A 129 -12.04 -4.55 -9.98
N PRO A 129 -11.26 -4.76 -10.65
CA PRO A 129 -12.26 -3.49 -8.99
CA PRO A 129 -12.47 -5.00 -9.85
C PRO A 129 -12.06 -4.06 -7.58
C PRO A 129 -12.28 -4.90 -8.33
N TYR A 130 -11.74 -5.34 -7.47
N TYR A 130 -11.64 -5.90 -7.72
CA TYR A 130 -11.58 -5.94 -6.14
CA TYR A 130 -11.50 -5.89 -6.27
C TYR A 130 -10.14 -6.25 -5.78
C TYR A 130 -10.06 -6.21 -5.85
N GLY A 131 -9.17 -5.89 -6.63
N GLY A 131 -9.09 -5.87 -6.69
CA GLY A 131 -7.79 -6.23 -6.38
CA GLY A 131 -7.71 -6.25 -6.42
C GLY A 131 -7.45 -7.69 -6.54
C GLY A 131 -7.42 -7.72 -6.57
N THR A 132 -8.42 -8.53 -6.91
N THR A 132 -8.41 -8.53 -6.92
CA THR A 132 -8.22 -9.96 -7.06
CA THR A 132 -8.25 -9.97 -7.07
C THR A 132 -7.97 -10.32 -8.52
C THR A 132 -8.02 -10.34 -8.53
N LEU A 133 -7.39 -11.49 -8.73
CA LEU A 133 -7.15 -12.03 -10.05
C LEU A 133 -8.09 -13.20 -10.28
N ASP A 134 -8.62 -13.30 -11.50
CA ASP A 134 -9.50 -14.41 -11.83
C ASP A 134 -8.74 -15.72 -11.72
N LEU A 135 -9.19 -16.60 -10.82
CA LEU A 135 -8.47 -17.84 -10.57
C LEU A 135 -8.42 -18.73 -11.79
N ASN A 136 -9.41 -18.62 -12.68
CA ASN A 136 -9.37 -19.37 -13.93
C ASN A 136 -8.29 -18.82 -14.85
N GLU A 137 -8.26 -17.50 -15.04
CA GLU A 137 -7.22 -16.89 -15.86
C GLU A 137 -5.85 -17.13 -15.24
N LEU A 138 -5.76 -17.13 -13.91
CA LEU A 138 -4.48 -17.39 -13.26
C LEU A 138 -4.06 -18.85 -13.43
N GLU A 139 -5.02 -19.77 -13.44
CA GLU A 139 -4.67 -21.16 -13.68
C GLU A 139 -4.29 -21.39 -15.14
N ARG A 140 -5.05 -20.79 -16.08
CA ARG A 140 -4.71 -20.94 -17.49
C ARG A 140 -3.33 -20.37 -17.79
N ALA A 141 -2.95 -19.30 -17.11
CA ALA A 141 -1.62 -18.71 -17.34
C ALA A 141 -0.53 -19.55 -16.70
N LEU A 142 -0.76 -20.06 -15.49
CA LEU A 142 0.22 -20.92 -14.83
C LEU A 142 0.41 -22.24 -15.56
N THR A 143 -0.58 -22.68 -16.33
CA THR A 143 -0.50 -23.95 -17.06
C THR A 143 0.05 -23.81 -18.46
N ARG A 144 0.01 -22.60 -19.05
CA ARG A 144 0.39 -22.43 -20.45
C ARG A 144 1.83 -22.87 -20.69
N GLY A 145 2.77 -22.33 -19.91
CA GLY A 145 4.15 -22.71 -20.05
C GLY A 145 4.71 -23.33 -18.79
N SER A 146 3.90 -24.15 -18.12
CA SER A 146 4.34 -24.78 -16.88
C SER A 146 5.46 -25.79 -17.11
N GLY A 147 5.52 -26.37 -18.31
CA GLY A 147 6.55 -27.34 -18.61
C GLY A 147 7.19 -27.15 -19.97
N SER A 148 6.59 -26.33 -20.81
CA SER A 148 7.11 -26.12 -22.16
C SER A 148 8.37 -25.26 -22.09
N PRO A 149 9.45 -25.65 -22.78
CA PRO A 149 10.64 -24.80 -22.83
C PRO A 149 10.50 -23.58 -23.72
N TYR A 150 9.41 -23.47 -24.49
CA TYR A 150 9.19 -22.32 -25.36
C TYR A 150 8.66 -21.11 -24.60
N HIS A 151 8.27 -21.26 -23.34
CA HIS A 151 7.69 -20.20 -22.54
C HIS A 151 8.56 -19.88 -21.34
N PRO A 152 8.50 -18.67 -20.82
CA PRO A 152 9.20 -18.35 -19.57
C PRO A 152 8.60 -19.13 -18.41
N VAL A 153 9.43 -19.41 -17.41
CA VAL A 153 9.02 -20.17 -16.24
C VAL A 153 8.44 -19.21 -15.21
N CYS A 154 7.17 -19.41 -14.86
CA CYS A 154 6.52 -18.61 -13.83
C CYS A 154 7.02 -19.05 -12.47
N GLU A 155 7.80 -18.18 -11.81
CA GLU A 155 8.36 -18.51 -10.51
C GLU A 155 7.75 -17.69 -9.39
N LEU A 156 6.85 -16.75 -9.69
CA LEU A 156 6.27 -15.91 -8.66
C LEU A 156 4.89 -15.44 -9.09
N VAL A 157 3.95 -15.48 -8.14
CA VAL A 157 2.66 -14.81 -8.27
C VAL A 157 2.68 -13.62 -7.33
N TYR A 158 2.43 -12.43 -7.86
CA TYR A 158 2.60 -11.20 -7.12
C TYR A 158 1.23 -10.65 -6.71
N LEU A 159 1.03 -10.49 -5.40
CA LEU A 159 -0.22 -10.00 -4.85
C LEU A 159 0.01 -8.72 -4.05
N GLU A 160 -1.03 -7.91 -3.94
CA GLU A 160 -0.95 -6.61 -3.27
C GLU A 160 -2.16 -6.46 -2.34
N ASN A 161 -1.90 -6.31 -1.05
CA ASN A 161 -2.95 -6.29 -0.03
C ASN A 161 -2.57 -5.25 1.03
N THR A 162 -3.32 -4.14 1.09
CA THR A 162 -4.48 -3.82 0.26
C THR A 162 -4.05 -3.34 -1.13
N HIS A 163 -4.96 -3.46 -2.08
CA HIS A 163 -4.71 -3.01 -3.45
C HIS A 163 -4.94 -1.51 -3.53
N SER A 164 -3.89 -0.76 -3.89
CA SER A 164 -3.96 0.69 -3.85
C SER A 164 -4.86 1.24 -4.95
N SER A 165 -4.59 0.87 -6.20
CA SER A 165 -5.30 1.49 -7.32
C SER A 165 -6.79 1.17 -7.34
N ALA A 166 -7.21 0.10 -6.67
CA ALA A 166 -8.63 -0.25 -6.61
C ALA A 166 -9.39 0.48 -5.51
N GLY A 167 -8.72 1.30 -4.72
CA GLY A 167 -9.36 2.01 -3.63
C GLY A 167 -9.08 1.43 -2.26
N GLY A 168 -7.94 0.78 -2.07
CA GLY A 168 -7.65 0.15 -0.79
C GLY A 168 -8.51 -1.06 -0.49
N ARG A 169 -8.80 -1.87 -1.51
CA ARG A 169 -9.62 -3.05 -1.30
C ARG A 169 -8.83 -4.12 -0.57
N VAL A 170 -9.53 -4.87 0.28
CA VAL A 170 -8.91 -5.91 1.09
C VAL A 170 -9.04 -7.25 0.36
N LEU A 171 -7.93 -7.99 0.30
CA LEU A 171 -7.96 -9.33 -0.27
C LEU A 171 -8.39 -10.32 0.81
N PRO A 172 -9.48 -11.07 0.60
CA PRO A 172 -9.92 -12.02 1.63
C PRO A 172 -8.92 -13.13 1.85
N VAL A 173 -9.01 -13.76 3.04
CA VAL A 173 -8.09 -14.84 3.39
C VAL A 173 -8.30 -16.03 2.45
N ASP A 174 -9.55 -16.38 2.16
CA ASP A 174 -9.82 -17.55 1.32
C ASP A 174 -9.27 -17.36 -0.08
N TYR A 175 -9.36 -16.14 -0.62
CA TYR A 175 -8.73 -15.87 -1.91
C TYR A 175 -7.22 -16.08 -1.84
N LEU A 176 -6.59 -15.59 -0.77
CA LEU A 176 -5.16 -15.82 -0.58
C LEU A 176 -4.85 -17.31 -0.47
N ARG A 177 -5.75 -18.07 0.15
CA ARG A 177 -5.53 -19.52 0.28
C ARG A 177 -5.62 -20.20 -1.08
N GLN A 178 -6.56 -19.79 -1.92
CA GLN A 178 -6.71 -20.39 -3.24
C GLN A 178 -5.55 -20.03 -4.17
N VAL A 179 -4.99 -18.82 -4.03
CA VAL A 179 -3.87 -18.43 -4.88
C VAL A 179 -2.65 -19.28 -4.57
N CYS A 180 -2.37 -19.53 -3.29
CA CYS A 180 -1.20 -20.33 -2.91
C CYS A 180 -1.35 -21.77 -3.36
N LEU A 181 -2.55 -22.34 -3.21
CA LEU A 181 -2.79 -23.69 -3.71
C LEU A 181 -2.50 -23.77 -5.20
N LEU A 182 -2.94 -22.77 -5.96
CA LEU A 182 -2.74 -22.77 -7.41
C LEU A 182 -1.28 -22.51 -7.76
N ALA A 183 -0.62 -21.61 -7.02
CA ALA A 183 0.77 -21.27 -7.33
C ALA A 183 1.72 -22.39 -6.89
N HIS A 184 1.54 -22.89 -5.66
CA HIS A 184 2.42 -23.93 -5.16
C HIS A 184 2.24 -25.25 -5.89
N ALA A 185 1.13 -25.43 -6.61
CA ALA A 185 0.95 -26.64 -7.40
C ALA A 185 1.80 -26.59 -8.66
N HIS A 186 1.88 -25.43 -9.31
CA HIS A 186 2.66 -25.24 -10.51
C HIS A 186 4.08 -24.75 -10.22
N GLY A 187 4.58 -24.98 -9.02
CA GLY A 187 5.96 -24.67 -8.70
C GLY A 187 6.32 -23.20 -8.71
N ALA A 188 5.43 -22.34 -8.23
CA ALA A 188 5.68 -20.91 -8.13
C ALA A 188 5.55 -20.46 -6.69
N ARG A 189 6.26 -19.39 -6.37
CA ARG A 189 6.18 -18.77 -5.05
C ARG A 189 5.15 -17.64 -5.06
N VAL A 190 4.81 -17.17 -3.87
CA VAL A 190 3.82 -16.10 -3.70
C VAL A 190 4.45 -15.01 -2.85
N HIS A 191 4.49 -13.79 -3.37
CA HIS A 191 4.91 -12.62 -2.62
C HIS A 191 3.75 -11.64 -2.52
N MET A 192 3.61 -11.04 -1.34
CA MET A 192 2.51 -10.11 -1.07
C MET A 192 3.10 -8.74 -0.76
N ASP A 193 2.87 -7.78 -1.65
CA ASP A 193 3.17 -6.37 -1.37
C ASP A 193 2.23 -5.90 -0.28
N GLY A 194 2.73 -5.88 0.96
CA GLY A 194 1.93 -5.44 2.08
C GLY A 194 2.23 -4.02 2.48
N ALA A 195 2.36 -3.13 1.49
CA ALA A 195 2.58 -1.71 1.77
C ALA A 195 1.52 -1.17 2.72
N ARG A 196 0.31 -1.71 2.67
CA ARG A 196 -0.76 -1.35 3.60
C ARG A 196 -1.41 -2.60 4.17
N LEU A 197 -0.56 -3.53 4.62
CA LEU A 197 -1.06 -4.79 5.15
C LEU A 197 -1.83 -4.60 6.45
N MET A 198 -1.37 -3.68 7.30
CA MET A 198 -2.07 -3.43 8.56
C MET A 198 -3.46 -2.82 8.33
N ASN A 199 -3.61 -2.02 7.27
CA ASN A 199 -4.93 -1.53 6.91
C ASN A 199 -5.88 -2.68 6.60
N ALA A 200 -5.36 -3.78 6.04
CA ALA A 200 -6.19 -4.95 5.76
C ALA A 200 -6.48 -5.74 7.02
N ALA A 201 -5.47 -5.94 7.88
CA ALA A 201 -5.67 -6.72 9.10
C ALA A 201 -6.70 -6.06 10.01
N VAL A 202 -6.63 -4.74 10.16
CA VAL A 202 -7.59 -4.03 11.01
C VAL A 202 -8.99 -4.12 10.42
N ALA A 203 -9.09 -4.01 9.08
CA ALA A 203 -10.39 -4.11 8.43
C ALA A 203 -11.03 -5.47 8.69
N LEU A 204 -10.24 -6.53 8.66
CA LEU A 204 -10.74 -7.88 8.90
C LEU A 204 -10.74 -8.27 10.37
N ARG A 205 -10.16 -7.45 11.25
CA ARG A 205 -10.09 -7.72 12.68
C ARG A 205 -9.40 -9.07 12.95
N ILE A 206 -8.30 -9.32 12.25
CA ILE A 206 -7.52 -10.55 12.41
C ILE A 206 -6.05 -10.19 12.57
N PRO A 207 -5.24 -11.01 13.22
CA PRO A 207 -3.82 -10.73 13.32
C PRO A 207 -3.20 -10.71 11.93
N PRO A 208 -2.18 -9.87 11.71
CA PRO A 208 -1.57 -9.79 10.38
C PRO A 208 -0.98 -11.11 9.90
N ALA A 209 -0.61 -11.99 10.82
CA ALA A 209 -0.01 -13.26 10.43
C ALA A 209 -0.97 -14.13 9.64
N ARG A 210 -2.28 -14.00 9.89
CA ARG A 210 -3.25 -14.81 9.18
C ARG A 210 -3.21 -14.56 7.67
N LEU A 211 -2.85 -13.34 7.26
CA LEU A 211 -2.71 -13.03 5.84
C LEU A 211 -1.38 -13.52 5.29
N VAL A 212 -0.30 -13.38 6.07
CA VAL A 212 1.03 -13.75 5.62
C VAL A 212 1.21 -15.26 5.58
N GLU A 213 0.37 -16.01 6.30
CA GLU A 213 0.44 -17.47 6.23
C GLU A 213 0.29 -17.97 4.81
N HIS A 214 -0.44 -17.25 3.98
CA HIS A 214 -0.66 -17.62 2.58
C HIS A 214 0.24 -16.81 1.65
N CYS A 215 1.54 -16.96 1.85
CA CYS A 215 2.55 -16.37 0.98
C CYS A 215 3.91 -16.88 1.43
N ASP A 216 4.88 -16.81 0.52
CA ASP A 216 6.26 -17.17 0.85
C ASP A 216 7.05 -15.99 1.39
N SER A 217 6.83 -14.79 0.83
CA SER A 217 7.48 -13.59 1.31
C SER A 217 6.48 -12.45 1.33
N VAL A 218 6.83 -11.38 2.03
CA VAL A 218 5.93 -10.24 2.20
C VAL A 218 6.75 -8.96 2.30
N SER A 219 6.18 -7.88 1.78
CA SER A 219 6.67 -6.53 2.01
C SER A 219 5.83 -5.87 3.10
N PHE A 220 6.43 -4.90 3.78
CA PHE A 220 5.75 -4.22 4.89
C PHE A 220 6.34 -2.82 5.01
N CYS A 221 5.46 -1.81 5.00
CA CYS A 221 5.86 -0.42 4.89
C CYS A 221 5.50 0.34 6.16
N PHE A 222 6.48 1.05 6.73
CA PHE A 222 6.30 1.86 7.92
C PHE A 222 6.02 3.33 7.62
N SER A 223 6.30 3.78 6.40
CA SER A 223 6.27 5.20 6.07
C SER A 223 4.92 5.68 5.56
N LYS A 224 3.88 4.86 5.65
CA LYS A 224 2.55 5.27 5.23
C LYS A 224 1.64 5.46 6.44
N GLY A 225 0.67 4.58 6.62
CA GLY A 225 -0.30 4.73 7.69
C GLY A 225 0.30 4.62 9.08
N LEU A 226 1.43 3.91 9.21
CA LEU A 226 2.07 3.77 10.50
C LEU A 226 2.73 5.06 10.96
N GLY A 227 3.12 5.93 10.03
CA GLY A 227 3.57 7.27 10.37
C GLY A 227 5.07 7.47 10.46
N ALA A 228 5.87 6.43 10.24
CA ALA A 228 7.31 6.57 10.33
C ALA A 228 7.83 7.42 9.16
N PRO A 229 8.97 8.09 9.34
CA PRO A 229 9.51 8.93 8.25
C PRO A 229 10.10 8.11 7.10
N VAL A 230 10.91 7.09 7.41
CA VAL A 230 11.58 6.28 6.40
C VAL A 230 11.61 4.83 6.88
N GLY A 231 11.41 3.89 5.98
CA GLY A 231 11.63 2.49 6.29
C GLY A 231 10.61 1.50 5.76
N ALA A 232 11.10 0.33 5.38
CA ALA A 232 10.28 -0.81 5.04
C ALA A 232 11.10 -2.06 5.31
N LEU A 233 10.55 -3.23 4.95
CA LEU A 233 11.32 -4.44 5.15
C LEU A 233 10.75 -5.58 4.33
N VAL A 234 11.58 -6.61 4.15
CA VAL A 234 11.21 -7.86 3.50
C VAL A 234 11.05 -8.92 4.58
N GLY A 235 9.99 -9.70 4.49
CA GLY A 235 9.75 -10.80 5.41
C GLY A 235 9.75 -12.12 4.67
N GLY A 236 10.27 -13.16 5.32
CA GLY A 236 10.35 -14.46 4.70
C GLY A 236 11.17 -15.42 5.53
N SER A 237 11.60 -16.51 4.90
CA SER A 237 12.40 -17.51 5.59
C SER A 237 13.83 -17.01 5.78
N LYS A 238 14.59 -17.73 6.59
CA LYS A 238 16.00 -17.38 6.83
C LYS A 238 16.77 -17.35 5.52
N ASP A 239 16.62 -18.39 4.69
CA ASP A 239 17.38 -18.48 3.46
C ASP A 239 17.02 -17.35 2.51
N PHE A 240 15.72 -17.03 2.40
CA PHE A 240 15.32 -15.95 1.49
C PHE A 240 15.85 -14.61 1.97
N ILE A 241 15.78 -14.34 3.28
CA ILE A 241 16.33 -13.10 3.81
C ILE A 241 17.85 -13.11 3.72
N GLY A 242 18.48 -14.29 3.85
CA GLY A 242 19.92 -14.38 3.70
C GLY A 242 20.39 -13.86 2.36
N GLU A 243 19.69 -14.24 1.28
CA GLU A 243 20.03 -13.74 -0.05
C GLU A 243 19.47 -12.35 -0.30
N ALA A 244 18.40 -11.96 0.39
CA ALA A 244 17.92 -10.59 0.29
C ALA A 244 18.97 -9.59 0.76
N TRP A 245 19.85 -10.01 1.68
CA TRP A 245 20.92 -9.13 2.16
C TRP A 245 21.86 -8.74 1.01
N ARG A 246 22.29 -9.72 0.22
CA ARG A 246 23.18 -9.42 -0.90
C ARG A 246 22.51 -8.51 -1.92
N LEU A 247 21.21 -8.69 -2.12
CA LEU A 247 20.48 -7.86 -3.07
C LEU A 247 20.29 -6.44 -2.52
N ARG A 248 19.95 -6.33 -1.24
CA ARG A 248 19.91 -5.01 -0.60
C ARG A 248 21.25 -4.30 -0.74
N LYS A 249 22.36 -5.05 -0.57
CA LYS A 249 23.68 -4.45 -0.68
C LYS A 249 23.94 -3.94 -2.09
N ALA A 250 23.62 -4.77 -3.10
CA ALA A 250 23.91 -4.41 -4.48
C ALA A 250 23.08 -3.22 -4.94
N LEU A 251 21.84 -3.10 -4.46
CA LEU A 251 20.97 -1.99 -4.83
C LEU A 251 21.29 -0.71 -4.06
N GLY A 252 22.11 -0.79 -3.01
CA GLY A 252 22.44 0.39 -2.24
C GLY A 252 21.51 0.68 -1.09
N GLY A 253 20.89 -0.34 -0.50
CA GLY A 253 20.06 -0.20 0.67
C GLY A 253 20.71 -0.63 1.97
N GLY A 254 21.99 -0.98 1.94
CA GLY A 254 22.70 -1.40 3.14
C GLY A 254 23.22 -0.22 3.92
N MET A 255 22.35 0.38 4.73
CA MET A 255 22.68 1.58 5.49
C MET A 255 23.57 1.21 6.68
N ARG A 256 24.02 2.24 7.41
CA ARG A 256 24.88 1.99 8.56
C ARG A 256 24.07 2.05 9.85
N GLN A 257 23.90 3.25 10.41
CA GLN A 257 23.21 3.39 11.70
C GLN A 257 21.71 3.60 11.46
N ALA A 258 21.08 2.58 10.88
CA ALA A 258 19.66 2.64 10.56
C ALA A 258 18.77 2.53 11.79
N GLY A 259 19.33 2.24 12.96
CA GLY A 259 18.53 2.18 14.17
C GLY A 259 17.85 3.49 14.51
N VAL A 260 18.35 4.60 13.96
CA VAL A 260 17.66 5.87 14.08
C VAL A 260 16.27 5.78 13.47
N LEU A 261 16.19 5.20 12.27
CA LEU A 261 14.91 5.04 11.58
C LEU A 261 14.08 3.92 12.18
N ALA A 262 14.72 2.83 12.59
CA ALA A 262 13.98 1.70 13.13
C ALA A 262 13.33 2.03 14.47
N ALA A 263 13.89 2.98 15.21
CA ALA A 263 13.27 3.41 16.46
C ALA A 263 11.91 4.04 16.22
N ALA A 264 11.80 4.86 15.17
CA ALA A 264 10.52 5.48 14.85
C ALA A 264 9.53 4.44 14.31
N ALA A 265 10.03 3.48 13.54
CA ALA A 265 9.16 2.42 13.01
C ALA A 265 8.61 1.54 14.12
N LEU A 266 9.37 1.34 15.20
CA LEU A 266 8.87 0.56 16.33
C LEU A 266 7.71 1.26 17.03
N VAL A 267 7.73 2.59 17.06
CA VAL A 267 6.64 3.34 17.69
C VAL A 267 5.36 3.21 16.88
N GLY A 268 5.47 3.41 15.55
CA GLY A 268 4.30 3.29 14.70
C GLY A 268 3.71 1.89 14.68
N LEU A 269 4.57 0.87 14.81
CA LEU A 269 4.07 -0.50 14.86
C LEU A 269 3.24 -0.75 16.11
N ALA A 270 3.57 -0.08 17.22
CA ALA A 270 2.82 -0.24 18.46
C ALA A 270 1.52 0.55 18.46
N GLU A 271 1.47 1.66 17.73
CA GLU A 271 0.27 2.48 17.65
C GLU A 271 -0.64 2.11 16.49
N ALA A 272 -0.32 1.04 15.76
CA ALA A 272 -1.05 0.72 14.54
C ALA A 272 -2.50 0.35 14.82
N GLU A 273 -2.73 -0.57 15.77
CA GLU A 273 -4.08 -1.03 16.08
C GLU A 273 -4.96 0.06 16.69
N GLU A 274 -4.40 1.22 17.04
CA GLU A 274 -5.17 2.33 17.56
C GLU A 274 -5.28 3.50 16.61
N VAL A 275 -4.31 3.69 15.72
CA VAL A 275 -4.32 4.83 14.80
C VAL A 275 -5.11 4.51 13.54
N LEU A 276 -4.90 3.32 12.99
CA LEU A 276 -5.54 2.97 11.72
C LEU A 276 -7.05 2.89 11.78
N PRO A 277 -7.69 2.35 12.83
CA PRO A 277 -9.17 2.40 12.88
C PRO A 277 -9.75 3.78 12.69
N ARG A 278 -9.08 4.82 13.20
CA ARG A 278 -9.59 6.18 13.03
C ARG A 278 -9.51 6.63 11.57
N ASP A 279 -8.52 6.15 10.82
CA ASP A 279 -8.42 6.50 9.40
C ASP A 279 -9.55 5.87 8.60
N HIS A 280 -9.93 4.63 8.95
CA HIS A 280 -11.03 3.98 8.27
C HIS A 280 -12.35 4.66 8.58
N GLU A 281 -12.54 5.08 9.84
CA GLU A 281 -13.77 5.76 10.22
C GLU A 281 -13.89 7.12 9.53
N ASN A 282 -12.81 7.89 9.49
CA ASN A 282 -12.84 9.18 8.83
C ASN A 282 -13.16 9.05 7.35
N ALA A 283 -12.55 8.05 6.69
CA ALA A 283 -12.85 7.81 5.28
C ALA A 283 -14.30 7.37 5.08
N GLN A 284 -14.80 6.51 5.97
CA GLN A 284 -16.19 6.07 5.87
C GLN A 284 -17.15 7.23 6.12
N ARG A 285 -16.82 8.08 7.11
CA ARG A 285 -17.64 9.27 7.37
C ARG A 285 -17.69 10.19 6.16
N PHE A 286 -16.54 10.40 5.51
CA PHE A 286 -16.50 11.24 4.31
C PHE A 286 -17.35 10.64 3.19
N ALA A 287 -17.23 9.33 2.98
CA ALA A 287 -18.00 8.68 1.92
C ALA A 287 -19.49 8.79 2.18
N LYS A 288 -19.91 8.57 3.44
CA LYS A 288 -21.31 8.75 3.80
C LYS A 288 -21.72 10.21 3.66
N GLY A 289 -20.85 11.14 4.04
CA GLY A 289 -21.17 12.55 3.94
C GLY A 289 -21.39 12.98 2.50
N LEU A 290 -20.48 12.57 1.60
CA LEU A 290 -20.64 12.89 0.19
C LEU A 290 -21.92 12.28 -0.38
N GLN A 291 -22.28 11.08 0.09
CA GLN A 291 -23.50 10.44 -0.36
C GLN A 291 -24.74 11.22 0.09
N ASP A 292 -24.72 11.72 1.33
CA ASP A 292 -25.83 12.48 1.87
C ASP A 292 -26.03 13.82 1.17
N LEU A 293 -25.14 14.19 0.24
CA LEU A 293 -25.32 15.40 -0.55
C LEU A 293 -26.14 15.16 -1.81
N ALA A 294 -26.22 13.92 -2.28
CA ALA A 294 -27.01 13.55 -3.45
C ALA A 294 -26.61 14.39 -4.66
N SER A 295 -25.30 14.50 -4.88
CA SER A 295 -24.93 15.34 -6.01
C SER A 295 -24.86 14.53 -7.29
N PRO A 296 -25.38 15.07 -8.39
CA PRO A 296 -25.27 14.38 -9.69
C PRO A 296 -23.86 14.39 -10.27
N ILE A 297 -22.90 15.02 -9.60
CA ILE A 297 -21.53 15.12 -10.08
C ILE A 297 -20.61 14.14 -9.38
N CYS A 298 -20.70 14.04 -8.06
CA CYS A 298 -19.87 13.13 -7.28
C CYS A 298 -20.73 11.98 -6.76
N SER A 299 -20.24 10.75 -6.94
CA SER A 299 -20.95 9.55 -6.50
C SER A 299 -19.96 8.59 -5.88
N VAL A 300 -20.26 8.12 -4.67
CA VAL A 300 -19.44 7.16 -3.95
C VAL A 300 -20.36 6.12 -3.33
N ASP A 301 -19.96 4.85 -3.43
CA ASP A 301 -20.65 3.80 -2.69
C ASP A 301 -19.83 3.51 -1.44
N PRO A 302 -20.29 3.92 -0.25
CA PRO A 302 -19.52 3.70 0.99
C PRO A 302 -19.19 2.25 1.25
N ALA A 303 -19.92 1.35 0.63
CA ALA A 303 -19.63 -0.08 0.75
C ALA A 303 -18.32 -0.45 0.08
N THR A 304 -17.80 0.40 -0.80
CA THR A 304 -16.51 0.17 -1.44
C THR A 304 -15.34 0.77 -0.67
N VAL A 305 -15.61 1.49 0.41
CA VAL A 305 -14.56 2.11 1.23
C VAL A 305 -14.22 1.10 2.33
N GLU A 306 -13.31 0.17 2.00
CA GLU A 306 -12.94 -0.87 2.94
C GLU A 306 -11.84 -0.45 3.91
N THR A 307 -10.96 0.47 3.50
CA THR A 307 -9.86 0.89 4.36
C THR A 307 -9.78 2.40 4.47
N ASN A 308 -8.62 2.98 4.17
CA ASN A 308 -8.39 4.41 4.32
C ASN A 308 -8.51 5.19 3.02
N MET A 309 -9.07 4.60 1.97
CA MET A 309 -9.16 5.26 0.67
C MET A 309 -10.61 5.39 0.23
N VAL A 310 -10.92 6.49 -0.45
CA VAL A 310 -12.23 6.73 -1.04
C VAL A 310 -12.04 7.16 -2.49
N LEU A 311 -12.59 6.39 -3.42
CA LEU A 311 -12.60 6.75 -4.83
C LEU A 311 -13.92 7.45 -5.13
N VAL A 312 -13.84 8.72 -5.55
CA VAL A 312 -15.01 9.54 -5.84
C VAL A 312 -15.15 9.66 -7.34
N GLN A 313 -16.29 9.23 -7.87
CA GLN A 313 -16.57 9.35 -9.29
C GLN A 313 -17.02 10.76 -9.62
N VAL A 314 -16.45 11.34 -10.67
CA VAL A 314 -16.73 12.72 -11.06
C VAL A 314 -17.42 12.72 -12.42
N ALA A 315 -18.32 13.67 -12.61
CA ALA A 315 -19.08 13.80 -13.85
C ALA A 315 -19.20 15.26 -14.23
N GLY A 316 -19.08 15.54 -15.53
CA GLY A 316 -19.22 16.89 -16.04
C GLY A 316 -18.05 17.81 -15.76
N LEU A 317 -17.04 17.36 -15.02
CA LEU A 317 -15.89 18.16 -14.68
C LEU A 317 -14.66 17.26 -14.71
N PRO A 318 -13.59 17.67 -15.38
CA PRO A 318 -12.36 16.89 -15.35
C PRO A 318 -11.85 16.73 -13.92
N PRO A 319 -11.38 15.54 -13.54
CA PRO A 319 -10.95 15.34 -12.15
C PRO A 319 -9.82 16.27 -11.73
N SER A 320 -9.01 16.75 -12.67
CA SER A 320 -7.96 17.70 -12.32
C SER A 320 -8.54 19.03 -11.85
N GLU A 321 -9.61 19.50 -12.50
CA GLU A 321 -10.22 20.76 -12.11
C GLU A 321 -10.90 20.64 -10.76
N LEU A 322 -11.49 19.48 -10.46
CA LEU A 322 -12.08 19.26 -9.14
C LEU A 322 -11.02 19.36 -8.06
N CYS A 323 -9.84 18.78 -8.30
CA CYS A 323 -8.74 18.92 -7.36
C CYS A 323 -8.26 20.36 -7.26
N GLN A 324 -8.29 21.09 -8.39
CA GLN A 324 -7.87 22.49 -8.38
C GLN A 324 -8.83 23.35 -7.56
N ARG A 325 -10.14 23.12 -7.71
CA ARG A 325 -11.11 23.91 -6.96
C ARG A 325 -11.09 23.56 -5.48
N LEU A 326 -11.00 22.28 -5.16
CA LEU A 326 -10.95 21.87 -3.75
C LEU A 326 -9.70 22.39 -3.06
N GLN A 327 -8.61 22.58 -3.82
CA GLN A 327 -7.37 23.09 -3.26
C GLN A 327 -7.39 24.61 -3.13
N ALA A 328 -8.18 25.30 -3.96
CA ALA A 328 -8.24 26.75 -3.95
C ALA A 328 -9.19 27.24 -2.87
N VAL A 329 -9.12 28.55 -2.59
CA VAL A 329 -9.93 29.20 -1.58
C VAL A 329 -10.46 30.50 -2.16
N SER A 330 -11.76 30.75 -1.99
CA SER A 330 -12.40 31.95 -2.47
C SER A 330 -13.07 32.69 -1.32
N ALA A 331 -13.39 33.96 -1.56
CA ALA A 331 -14.11 34.74 -0.56
C ALA A 331 -15.51 34.19 -0.31
N GLU A 332 -16.12 33.59 -1.35
CA GLU A 332 -17.43 32.99 -1.18
C GLU A 332 -17.36 31.72 -0.34
N GLU A 333 -16.21 31.04 -0.35
CA GLU A 333 -16.02 29.90 0.55
C GLU A 333 -16.04 30.35 2.00
N VAL A 334 -15.31 31.42 2.31
CA VAL A 334 -15.31 31.98 3.66
C VAL A 334 -16.71 32.45 4.05
N ALA A 335 -17.56 32.72 3.06
CA ALA A 335 -18.92 33.20 3.35
C ALA A 335 -19.84 32.06 3.76
N GLN A 336 -20.09 31.12 2.85
CA GLN A 336 -21.07 30.07 3.06
C GLN A 336 -20.54 28.91 3.90
N THR A 337 -19.24 28.84 4.15
CA THR A 337 -18.67 27.79 4.99
C THR A 337 -18.11 28.30 6.31
N GLY A 338 -17.48 29.47 6.31
CA GLY A 338 -16.92 30.02 7.53
C GLY A 338 -15.41 29.93 7.59
N ARG A 339 -14.86 28.80 7.16
CA ARG A 339 -13.42 28.58 7.16
C ARG A 339 -12.89 28.49 5.74
N ALA A 340 -11.57 28.57 5.62
CA ALA A 340 -10.87 28.46 4.35
C ALA A 340 -10.04 27.18 4.40
N VAL A 341 -10.60 26.11 3.86
CA VAL A 341 -9.99 24.79 3.91
C VAL A 341 -9.45 24.44 2.53
N ARG A 342 -8.18 24.09 2.46
CA ARG A 342 -7.54 23.65 1.23
C ARG A 342 -7.42 22.13 1.27
N VAL A 343 -8.31 21.46 0.54
CA VAL A 343 -8.32 19.99 0.48
C VAL A 343 -7.41 19.57 -0.66
N LEU A 344 -6.42 18.73 -0.36
CA LEU A 344 -5.47 18.25 -1.34
C LEU A 344 -5.82 16.83 -1.76
N LEU A 345 -5.98 16.62 -3.07
CA LEU A 345 -6.36 15.34 -3.64
C LEU A 345 -5.65 15.11 -4.96
N PHE A 346 -5.61 13.85 -5.36
CA PHE A 346 -5.04 13.44 -6.63
C PHE A 346 -6.13 12.96 -7.60
N PRO A 347 -6.07 13.40 -8.86
CA PRO A 347 -6.92 12.76 -9.89
C PRO A 347 -6.40 11.37 -10.17
N TRP A 348 -7.31 10.39 -10.14
CA TRP A 348 -6.91 8.99 -10.25
C TRP A 348 -7.14 8.44 -11.66
N THR A 349 -8.39 8.42 -12.11
CA THR A 349 -8.72 7.98 -13.46
C THR A 349 -9.22 9.17 -14.26
N GLU A 350 -9.78 8.89 -15.44
CA GLU A 350 -10.38 9.95 -16.24
C GLU A 350 -11.71 10.43 -15.66
N GLN A 351 -12.31 9.65 -14.76
CA GLN A 351 -13.62 9.99 -14.20
C GLN A 351 -13.66 9.85 -12.69
N SER A 352 -12.51 9.87 -12.01
CA SER A 352 -12.52 9.66 -10.57
C SER A 352 -11.30 10.31 -9.93
N VAL A 353 -11.47 10.70 -8.66
CA VAL A 353 -10.40 11.19 -7.82
C VAL A 353 -10.23 10.23 -6.66
N ARG A 354 -9.13 10.38 -5.93
CA ARG A 354 -8.78 9.47 -4.85
C ARG A 354 -8.40 10.24 -3.60
N ALA A 355 -8.97 9.85 -2.46
CA ALA A 355 -8.69 10.44 -1.17
C ALA A 355 -8.15 9.36 -0.23
N VAL A 356 -7.03 9.67 0.42
CA VAL A 356 -6.35 8.73 1.32
C VAL A 356 -6.21 9.39 2.69
N TRP A 357 -6.61 8.66 3.73
CA TRP A 357 -6.58 9.17 5.08
C TRP A 357 -5.37 8.65 5.84
N HIS A 358 -4.99 9.40 6.88
CA HIS A 358 -3.82 9.06 7.68
C HIS A 358 -3.96 9.79 9.02
N ARG A 359 -2.98 9.56 9.91
CA ARG A 359 -3.09 10.05 11.27
C ARG A 359 -2.98 11.57 11.37
N ASP A 360 -2.43 12.23 10.37
CA ASP A 360 -2.34 13.69 10.40
C ASP A 360 -3.62 14.37 9.92
N VAL A 361 -4.61 13.60 9.49
CA VAL A 361 -5.93 14.14 9.15
C VAL A 361 -6.85 13.82 10.32
N SER A 362 -7.23 14.84 11.07
CA SER A 362 -8.11 14.62 12.21
C SER A 362 -9.55 14.46 11.75
N ALA A 363 -10.39 13.96 12.66
CA ALA A 363 -11.80 13.81 12.35
C ALA A 363 -12.47 15.17 12.15
N GLN A 364 -11.96 16.21 12.81
CA GLN A 364 -12.45 17.56 12.55
C GLN A 364 -11.96 18.08 11.21
N ASP A 365 -10.76 17.67 10.79
CA ASP A 365 -10.31 17.99 9.43
C ASP A 365 -11.21 17.33 8.39
N THR A 366 -11.69 16.11 8.69
CA THR A 366 -12.57 15.41 7.77
C THR A 366 -13.87 16.18 7.57
N GLU A 367 -14.48 16.66 8.66
CA GLU A 367 -15.71 17.44 8.54
C GLU A 367 -15.47 18.73 7.77
N LEU A 368 -14.31 19.36 7.96
CA LEU A 368 -13.99 20.57 7.22
C LEU A 368 -13.81 20.28 5.74
N ALA A 369 -13.24 19.12 5.41
CA ALA A 369 -13.10 18.73 4.00
C ALA A 369 -14.45 18.42 3.38
N LEU A 370 -15.40 17.90 4.17
CA LEU A 370 -16.75 17.71 3.66
C LEU A 370 -17.42 19.03 3.33
N LYS A 371 -17.24 20.04 4.19
CA LYS A 371 -17.87 21.34 3.97
C LYS A 371 -17.27 22.04 2.74
N LYS A 372 -15.95 21.95 2.57
CA LYS A 372 -15.33 22.46 1.35
C LYS A 372 -15.89 21.75 0.12
N TRP A 373 -16.11 20.45 0.23
CA TRP A 373 -16.64 19.68 -0.90
C TRP A 373 -18.06 20.12 -1.24
N GLU A 374 -18.89 20.36 -0.22
CA GLU A 374 -20.24 20.86 -0.46
C GLU A 374 -20.20 22.18 -1.21
N PHE A 375 -19.34 23.11 -0.75
CA PHE A 375 -19.27 24.43 -1.37
C PHE A 375 -18.85 24.34 -2.83
N VAL A 376 -17.79 23.58 -3.11
CA VAL A 376 -17.30 23.45 -4.49
C VAL A 376 -18.37 22.85 -5.38
N LEU A 377 -19.03 21.81 -4.89
CA LEU A 377 -20.03 21.10 -5.73
C LEU A 377 -21.19 22.05 -6.06
N ARG A 378 -21.64 22.80 -5.05
CA ARG A 378 -22.79 23.74 -5.19
C ARG A 378 -22.47 24.84 -6.20
N GLN A 379 -21.24 25.32 -6.20
CA GLN A 379 -20.85 26.46 -7.07
C GLN A 379 -20.71 26.04 -8.55
N LEU A 380 -20.90 24.77 -8.88
CA LEU A 380 -20.85 24.38 -10.31
C LEU A 380 -22.07 23.51 -10.64
N ARG A 381 -22.93 23.27 -9.65
CA ARG A 381 -24.13 22.41 -9.84
C ARG A 381 -24.76 22.69 -11.21
N PRO A 382 -25.08 21.64 -11.99
CA PRO A 382 -25.71 21.83 -13.31
C PRO A 382 -27.08 22.47 -13.10
#